data_4W8Z
#
_entry.id   4W8Z
#
_cell.length_a   100.757
_cell.length_b   100.757
_cell.length_c   106.932
_cell.angle_alpha   90.00
_cell.angle_beta   90.00
_cell.angle_gamma   120.00
#
_symmetry.space_group_name_H-M   'P 31 2 1'
#
loop_
_entity.id
_entity.type
_entity.pdbx_description
1 polymer 'CRISPR system Cmr subunit Cmr1-1'
2 water water
#
_entity_poly.entity_id   1
_entity_poly.type   'polypeptide(L)'
_entity_poly.pdbx_seq_one_letter_code
;HHHHHHMFIEEFEIESITSTHLLEVLTREYPEVRSPSIKGAMRWWFRALAGSYFGDDAQKLKEIENQVFGSTKERSRVKI
SVTPLSSPKRLNLKEFKDKNVGYIWFSINLLGKRGTITHYYPPGSRFRVVLESPSERVIKLATLSLWALVSLGSVGFRSR
RGTGSMKIVRASSEVLEDLGLTTEFNSIDEFKDSLKRVLDVTGEILGVKNSETNKSLPSYATLKFSDVEVFGPGKNTWEV
LAQFNNSYKEYLRRRIKKYQRIIFGLPRFKLRGVRKDLRRASPLWFGVVEIGGKPYGRIIKFFQSTFHPEVRSKHIVDWN
VLSNFDWFISSRLPVTKVWGGWSG
;
_entity_poly.pdbx_strand_id   A
#
# COMPACT_ATOMS: atom_id res chain seq x y z
N MET A 7 -24.73 15.40 11.51
CA MET A 7 -24.42 14.02 11.83
C MET A 7 -24.19 13.20 10.56
N PHE A 8 -23.12 13.53 9.84
CA PHE A 8 -22.75 12.78 8.64
C PHE A 8 -22.30 11.37 8.98
N ILE A 9 -22.57 10.42 8.10
CA ILE A 9 -22.18 9.04 8.35
C ILE A 9 -21.94 8.25 7.06
N GLU A 10 -20.79 7.59 6.98
CA GLU A 10 -20.41 6.78 5.82
C GLU A 10 -20.12 5.34 6.27
N GLU A 11 -20.71 4.38 5.57
CA GLU A 11 -20.56 2.98 5.97
C GLU A 11 -19.99 2.12 4.84
N PHE A 12 -19.07 1.22 5.20
CA PHE A 12 -18.43 0.35 4.21
C PHE A 12 -18.27 -1.07 4.71
N GLU A 13 -18.38 -2.03 3.78
CA GLU A 13 -17.91 -3.38 4.03
C GLU A 13 -16.77 -3.67 3.07
N ILE A 14 -15.58 -3.91 3.61
CA ILE A 14 -14.45 -4.28 2.76
C ILE A 14 -14.12 -5.77 2.94
N GLU A 15 -13.54 -6.36 1.92
CA GLU A 15 -13.22 -7.78 1.93
C GLU A 15 -11.77 -7.98 1.50
N SER A 16 -11.10 -8.94 2.15
CA SER A 16 -9.73 -9.28 1.80
C SER A 16 -9.66 -10.01 0.46
N ILE A 17 -8.83 -9.52 -0.45
CA ILE A 17 -8.55 -10.22 -1.70
C ILE A 17 -7.39 -11.19 -1.49
N THR A 18 -6.40 -10.76 -0.71
CA THR A 18 -5.26 -11.61 -0.37
C THR A 18 -5.23 -11.86 1.12
N SER A 19 -4.44 -12.86 1.53
CA SER A 19 -4.29 -13.21 2.95
C SER A 19 -3.92 -11.99 3.76
N THR A 20 -4.64 -11.78 4.87
CA THR A 20 -4.47 -10.58 5.67
C THR A 20 -3.93 -10.94 7.05
N HIS A 21 -2.91 -10.21 7.50
CA HIS A 21 -2.26 -10.49 8.77
C HIS A 21 -2.21 -9.28 9.69
N LEU A 22 -3.17 -9.19 10.60
CA LEU A 22 -3.25 -8.08 11.53
C LEU A 22 -2.51 -8.44 12.81
N LEU A 23 -1.27 -7.99 12.89
CA LEU A 23 -0.37 -8.44 13.96
C LEU A 23 0.22 -7.30 14.77
N GLU A 24 -0.60 -6.31 15.11
CA GLU A 24 -0.13 -5.17 15.89
C GLU A 24 0.42 -5.59 17.26
N VAL A 25 -0.08 -6.72 17.76
CA VAL A 25 0.38 -7.27 19.02
C VAL A 25 1.87 -7.57 19.01
N LEU A 26 2.37 -8.12 17.91
CA LEU A 26 3.77 -8.53 17.81
C LEU A 26 4.77 -7.38 17.67
N THR A 27 4.29 -6.19 17.32
CA THR A 27 5.17 -5.08 16.97
C THR A 27 6.04 -4.63 18.13
N ARG A 28 5.60 -4.88 19.37
CA ARG A 28 6.35 -4.41 20.53
C ARG A 28 7.68 -5.16 20.68
N GLU A 29 7.65 -6.48 20.54
CA GLU A 29 8.86 -7.28 20.70
C GLU A 29 9.69 -7.32 19.43
N TYR A 30 9.01 -7.33 18.28
CA TYR A 30 9.69 -7.40 16.99
C TYR A 30 9.29 -6.23 16.08
N PRO A 31 10.19 -5.25 15.92
CA PRO A 31 9.89 -4.04 15.15
C PRO A 31 9.73 -4.30 13.65
N GLU A 32 10.31 -5.37 13.12
CA GLU A 32 10.14 -5.70 11.71
C GLU A 32 8.67 -6.02 11.42
N VAL A 33 8.00 -6.57 12.41
CA VAL A 33 6.60 -6.93 12.27
C VAL A 33 5.71 -5.69 12.40
N ARG A 34 5.82 -4.81 11.41
CA ARG A 34 4.90 -3.67 11.30
C ARG A 34 3.58 -4.12 10.72
N SER A 35 2.49 -3.71 11.34
CA SER A 35 1.16 -4.12 10.90
C SER A 35 0.20 -2.93 10.89
N PRO A 36 0.19 -2.17 9.78
CA PRO A 36 -0.74 -1.05 9.63
C PRO A 36 -2.19 -1.45 9.81
N SER A 37 -2.91 -0.75 10.69
CA SER A 37 -4.33 -0.99 10.89
C SER A 37 -5.10 -0.18 9.85
N ILE A 38 -6.40 -0.41 9.75
CA ILE A 38 -7.23 0.36 8.84
C ILE A 38 -7.21 1.84 9.20
N LYS A 39 -7.36 2.15 10.48
CA LYS A 39 -7.31 3.52 10.96
C LYS A 39 -5.94 4.15 10.67
N GLY A 40 -4.89 3.37 10.92
CA GLY A 40 -3.53 3.85 10.71
C GLY A 40 -3.20 4.09 9.25
N ALA A 41 -3.67 3.18 8.39
CA ALA A 41 -3.43 3.28 6.96
C ALA A 41 -4.22 4.43 6.32
N MET A 42 -5.43 4.66 6.82
CA MET A 42 -6.23 5.81 6.39
C MET A 42 -5.49 7.11 6.69
N ARG A 43 -4.95 7.19 7.90
CA ARG A 43 -4.17 8.35 8.31
C ARG A 43 -2.97 8.52 7.39
N TRP A 44 -2.33 7.41 7.06
CA TRP A 44 -1.17 7.44 6.16
C TRP A 44 -1.58 8.01 4.82
N TRP A 45 -2.71 7.53 4.30
CA TRP A 45 -3.14 7.91 2.95
C TRP A 45 -3.69 9.32 2.89
N PHE A 46 -4.16 9.83 4.01
CA PHE A 46 -4.57 11.23 4.04
C PHE A 46 -3.38 12.14 3.79
N ARG A 47 -2.24 11.77 4.36
CA ARG A 47 -1.03 12.56 4.23
C ARG A 47 -0.52 12.55 2.79
N ALA A 48 -0.70 11.41 2.13
CA ALA A 48 -0.26 11.26 0.75
C ALA A 48 -1.15 12.08 -0.20
N LEU A 49 -2.43 12.17 0.13
CA LEU A 49 -3.36 12.96 -0.67
C LEU A 49 -3.13 14.46 -0.43
N ALA A 50 -3.29 14.86 0.83
CA ALA A 50 -3.16 16.26 1.20
C ALA A 50 -1.76 16.79 0.92
N GLY A 51 -0.75 15.98 1.20
CA GLY A 51 0.64 16.36 0.98
C GLY A 51 0.93 16.72 -0.46
N SER A 52 0.08 16.25 -1.38
CA SER A 52 0.24 16.56 -2.80
C SER A 52 0.08 18.05 -3.07
N TYR A 53 -0.56 18.75 -2.15
CA TYR A 53 -0.84 20.18 -2.34
C TYR A 53 -0.01 21.08 -1.45
N PHE A 54 0.38 20.57 -0.28
CA PHE A 54 1.14 21.37 0.67
C PHE A 54 2.64 21.33 0.38
N GLY A 55 3.09 20.23 -0.22
CA GLY A 55 4.48 20.08 -0.61
C GLY A 55 5.48 20.31 0.51
N ASP A 56 6.23 21.40 0.40
CA ASP A 56 7.26 21.75 1.37
C ASP A 56 6.71 21.98 2.79
N ASP A 57 5.59 22.71 2.87
CA ASP A 57 5.01 23.12 4.14
C ASP A 57 4.54 21.94 4.99
N ALA A 58 5.49 21.26 5.62
CA ALA A 58 5.18 20.06 6.41
C ALA A 58 4.39 20.39 7.67
N GLN A 59 4.53 21.62 8.15
CA GLN A 59 3.84 22.05 9.36
C GLN A 59 2.34 22.11 9.13
N LYS A 60 1.95 22.76 8.04
CA LYS A 60 0.53 22.91 7.68
C LYS A 60 -0.14 21.57 7.48
N LEU A 61 0.62 20.60 6.95
CA LEU A 61 0.10 19.26 6.76
C LEU A 61 -0.26 18.61 8.09
N LYS A 62 0.64 18.74 9.06
CA LYS A 62 0.45 18.13 10.37
C LYS A 62 -0.68 18.79 11.16
N GLU A 63 -0.93 20.07 10.86
CA GLU A 63 -2.02 20.79 11.50
C GLU A 63 -3.36 20.20 11.11
N ILE A 64 -3.56 20.04 9.80
CA ILE A 64 -4.81 19.50 9.28
C ILE A 64 -4.97 18.02 9.64
N GLU A 65 -3.87 17.27 9.59
CA GLU A 65 -3.90 15.85 9.93
C GLU A 65 -4.40 15.62 11.36
N ASN A 66 -3.82 16.36 12.30
CA ASN A 66 -4.28 16.30 13.68
C ASN A 66 -5.71 16.81 13.79
N GLN A 67 -6.04 17.81 12.98
CA GLN A 67 -7.36 18.41 13.02
C GLN A 67 -8.44 17.43 12.57
N VAL A 68 -8.07 16.48 11.72
CA VAL A 68 -9.00 15.46 11.25
C VAL A 68 -8.94 14.21 12.12
N PHE A 69 -7.74 13.70 12.37
CA PHE A 69 -7.58 12.41 13.03
C PHE A 69 -7.27 12.50 14.53
N GLY A 70 -7.06 13.72 15.04
CA GLY A 70 -6.77 13.89 16.45
C GLY A 70 -5.30 13.67 16.79
N SER A 71 -4.90 14.12 17.98
CA SER A 71 -3.52 13.96 18.43
C SER A 71 -3.48 13.71 19.94
N THR A 72 -2.33 14.00 20.54
CA THR A 72 -2.16 13.85 21.98
C THR A 72 -2.80 15.04 22.72
N LYS A 73 -2.84 16.18 22.05
CA LYS A 73 -3.42 17.39 22.62
C LYS A 73 -4.78 17.67 21.98
N GLU A 74 -5.22 16.78 21.09
CA GLU A 74 -6.43 17.04 20.32
C GLU A 74 -7.40 15.85 20.29
N ARG A 75 -8.66 16.15 19.99
CA ARG A 75 -9.68 15.13 19.79
C ARG A 75 -10.05 15.06 18.32
N SER A 76 -10.12 13.85 17.78
CA SER A 76 -10.39 13.65 16.35
C SER A 76 -11.75 14.19 15.96
N ARG A 77 -11.81 14.83 14.80
CA ARG A 77 -13.06 15.39 14.31
C ARG A 77 -13.87 14.33 13.60
N VAL A 78 -13.30 13.14 13.46
CA VAL A 78 -13.98 12.00 12.86
C VAL A 78 -13.88 10.77 13.76
N LYS A 79 -14.95 9.99 13.82
CA LYS A 79 -14.95 8.74 14.56
C LYS A 79 -14.92 7.55 13.61
N ILE A 80 -13.86 6.74 13.67
CA ILE A 80 -13.71 5.59 12.80
C ILE A 80 -13.92 4.29 13.56
N SER A 81 -14.90 3.50 13.14
CA SER A 81 -15.19 2.24 13.81
C SER A 81 -14.97 1.06 12.87
N VAL A 82 -14.11 0.13 13.30
CA VAL A 82 -13.79 -1.04 12.49
C VAL A 82 -14.10 -2.32 13.24
N THR A 83 -15.05 -3.09 12.75
CA THR A 83 -15.35 -4.39 13.34
C THR A 83 -15.22 -5.49 12.30
N PRO A 84 -14.39 -6.50 12.58
CA PRO A 84 -14.28 -7.67 11.72
C PRO A 84 -15.55 -8.50 11.77
N LEU A 85 -15.95 -9.05 10.62
CA LEU A 85 -17.17 -9.83 10.52
C LEU A 85 -16.84 -11.31 10.35
N SER A 86 -15.56 -11.59 10.14
CA SER A 86 -15.10 -12.96 9.98
C SER A 86 -14.27 -13.39 11.18
N SER A 87 -14.16 -14.69 11.35
CA SER A 87 -13.29 -15.24 12.39
C SER A 87 -11.95 -15.65 11.76
N PRO A 88 -10.85 -15.41 12.50
CA PRO A 88 -9.54 -15.85 12.02
C PRO A 88 -9.52 -17.34 11.77
N LYS A 89 -8.77 -17.79 10.76
CA LYS A 89 -8.75 -19.20 10.39
C LYS A 89 -7.36 -19.80 10.62
N ARG A 90 -7.30 -21.12 10.71
CA ARG A 90 -6.03 -21.82 10.97
C ARG A 90 -5.07 -21.68 9.80
N LEU A 91 -3.81 -21.43 10.10
CA LEU A 91 -2.79 -21.25 9.07
C LEU A 91 -2.20 -22.58 8.61
N ASN A 92 -2.26 -22.83 7.30
CA ASN A 92 -1.66 -24.01 6.70
C ASN A 92 -0.28 -23.70 6.15
N LEU A 93 0.75 -24.27 6.75
CA LEU A 93 2.13 -23.96 6.37
C LEU A 93 2.52 -24.56 5.03
N LYS A 94 1.70 -25.49 4.53
CA LYS A 94 1.92 -26.07 3.22
C LYS A 94 1.63 -25.06 2.12
N GLU A 95 0.89 -24.01 2.48
CA GLU A 95 0.43 -23.00 1.52
C GLU A 95 1.55 -22.28 0.75
N PHE A 96 2.69 -22.10 1.41
CA PHE A 96 3.79 -21.34 0.83
C PHE A 96 4.43 -22.06 -0.36
N LYS A 97 4.77 -23.33 -0.17
CA LYS A 97 5.28 -24.14 -1.28
C LYS A 97 4.18 -24.32 -2.33
N ASP A 98 2.99 -24.72 -1.87
CA ASP A 98 1.86 -25.02 -2.74
C ASP A 98 1.47 -23.88 -3.69
N LYS A 99 1.43 -22.66 -3.16
CA LYS A 99 0.95 -21.53 -3.93
C LYS A 99 2.07 -20.67 -4.53
N ASN A 100 3.32 -21.07 -4.27
CA ASN A 100 4.50 -20.36 -4.78
C ASN A 100 4.52 -18.90 -4.30
N VAL A 101 4.60 -18.75 -2.98
CA VAL A 101 4.57 -17.44 -2.33
C VAL A 101 5.66 -17.35 -1.26
N GLY A 102 6.58 -18.31 -1.30
CA GLY A 102 7.53 -18.49 -0.22
C GLY A 102 8.64 -17.46 -0.07
N TYR A 103 8.87 -16.66 -1.09
CA TYR A 103 9.89 -15.63 -1.00
C TYR A 103 9.31 -14.29 -0.61
N ILE A 104 8.23 -13.86 -1.26
CA ILE A 104 7.63 -12.58 -0.92
C ILE A 104 7.05 -12.61 0.50
N TRP A 105 6.56 -13.77 0.93
CA TRP A 105 5.98 -13.91 2.27
C TRP A 105 6.84 -14.76 3.19
N PHE A 106 8.13 -14.83 2.89
CA PHE A 106 9.09 -15.58 3.70
C PHE A 106 8.91 -15.35 5.20
N SER A 107 8.85 -14.08 5.59
CA SER A 107 8.75 -13.70 7.00
C SER A 107 7.52 -14.28 7.69
N ILE A 108 6.42 -14.40 6.95
CA ILE A 108 5.20 -14.96 7.49
C ILE A 108 5.38 -16.45 7.72
N ASN A 109 6.01 -17.10 6.74
CA ASN A 109 6.32 -18.52 6.80
C ASN A 109 7.19 -18.85 8.00
N LEU A 110 8.10 -17.95 8.35
CA LEU A 110 9.03 -18.16 9.45
C LEU A 110 8.33 -18.02 10.80
N LEU A 111 7.48 -17.00 10.91
CA LEU A 111 6.67 -16.83 12.12
C LEU A 111 5.74 -18.03 12.29
N GLY A 112 5.25 -18.55 11.18
CA GLY A 112 4.38 -19.71 11.18
C GLY A 112 5.05 -20.93 11.79
N LYS A 113 6.26 -21.25 11.31
CA LYS A 113 6.99 -22.41 11.80
C LYS A 113 7.38 -22.26 13.27
N ARG A 114 7.77 -21.05 13.67
CA ARG A 114 8.14 -20.78 15.05
C ARG A 114 6.92 -20.77 15.98
N GLY A 115 5.74 -20.87 15.41
CA GLY A 115 4.51 -20.87 16.19
C GLY A 115 4.13 -19.52 16.77
N THR A 116 4.76 -18.45 16.27
CA THR A 116 4.47 -17.11 16.77
C THR A 116 3.09 -16.64 16.28
N ILE A 117 2.65 -17.15 15.13
CA ILE A 117 1.29 -16.91 14.68
C ILE A 117 0.62 -18.23 14.31
N THR A 118 -0.68 -18.34 14.57
CA THR A 118 -1.43 -19.55 14.28
C THR A 118 -2.63 -19.29 13.39
N HIS A 119 -3.14 -18.07 13.45
CA HIS A 119 -4.31 -17.70 12.64
C HIS A 119 -4.06 -16.46 11.79
N TYR A 120 -4.85 -16.33 10.72
CA TYR A 120 -4.80 -15.18 9.84
C TYR A 120 -6.18 -14.92 9.28
N TYR A 121 -6.32 -13.89 8.46
CA TYR A 121 -7.58 -13.62 7.77
C TYR A 121 -7.44 -13.97 6.29
N PRO A 122 -8.03 -15.10 5.88
CA PRO A 122 -7.92 -15.58 4.50
C PRO A 122 -8.76 -14.75 3.54
N PRO A 123 -8.48 -14.83 2.22
CA PRO A 123 -9.29 -14.14 1.21
C PRO A 123 -10.78 -14.40 1.43
N GLY A 124 -11.56 -13.33 1.48
CA GLY A 124 -12.98 -13.46 1.76
C GLY A 124 -13.33 -12.93 3.13
N SER A 125 -12.32 -12.68 3.96
CA SER A 125 -12.53 -12.08 5.27
C SER A 125 -13.17 -10.72 5.09
N ARG A 126 -14.20 -10.41 5.88
CA ARG A 126 -14.88 -9.13 5.73
C ARG A 126 -14.78 -8.26 6.98
N PHE A 127 -14.78 -6.95 6.75
CA PHE A 127 -14.65 -5.96 7.82
C PHE A 127 -15.64 -4.83 7.59
N ARG A 128 -16.29 -4.38 8.67
CA ARG A 128 -17.15 -3.22 8.59
C ARG A 128 -16.39 -1.97 8.99
N VAL A 129 -16.45 -0.94 8.15
CA VAL A 129 -15.83 0.34 8.47
C VAL A 129 -16.86 1.45 8.46
N VAL A 130 -17.00 2.14 9.59
CA VAL A 130 -17.99 3.21 9.71
C VAL A 130 -17.31 4.52 10.09
N LEU A 131 -17.65 5.59 9.36
CA LEU A 131 -17.06 6.89 9.59
C LEU A 131 -18.13 7.90 9.99
N GLU A 132 -17.88 8.63 11.07
CA GLU A 132 -18.83 9.64 11.57
C GLU A 132 -18.15 10.96 11.88
N SER A 133 -18.79 12.06 11.47
CA SER A 133 -18.26 13.39 11.75
C SER A 133 -19.36 14.44 11.66
N PRO A 134 -19.27 15.49 12.50
CA PRO A 134 -20.18 16.63 12.37
C PRO A 134 -19.84 17.49 11.14
N SER A 135 -18.60 17.42 10.69
CA SER A 135 -18.13 18.27 9.60
C SER A 135 -18.20 17.61 8.23
N GLU A 136 -18.65 18.36 7.23
CA GLU A 136 -18.73 17.85 5.86
C GLU A 136 -17.34 17.80 5.25
N ARG A 137 -16.54 18.82 5.52
CA ARG A 137 -15.17 18.90 5.06
C ARG A 137 -14.37 17.69 5.54
N VAL A 138 -14.58 17.32 6.80
CA VAL A 138 -13.86 16.23 7.42
C VAL A 138 -14.28 14.85 6.89
N ILE A 139 -15.58 14.60 6.82
CA ILE A 139 -16.08 13.29 6.40
C ILE A 139 -15.72 13.01 4.94
N LYS A 140 -15.63 14.06 4.12
CA LYS A 140 -15.21 13.91 2.73
C LYS A 140 -13.77 13.44 2.68
N LEU A 141 -12.92 14.09 3.47
CA LEU A 141 -11.49 13.76 3.52
C LEU A 141 -11.24 12.37 4.12
N ALA A 142 -12.08 11.97 5.06
CA ALA A 142 -11.97 10.65 5.67
C ALA A 142 -12.28 9.56 4.64
N THR A 143 -13.37 9.76 3.89
CA THR A 143 -13.80 8.81 2.89
C THR A 143 -12.81 8.71 1.74
N LEU A 144 -12.28 9.86 1.31
CA LEU A 144 -11.25 9.87 0.28
C LEU A 144 -10.05 9.05 0.72
N SER A 145 -9.66 9.22 1.98
CA SER A 145 -8.55 8.45 2.55
C SER A 145 -8.81 6.94 2.44
N LEU A 146 -9.98 6.52 2.90
CA LEU A 146 -10.36 5.11 2.86
C LEU A 146 -10.43 4.61 1.42
N TRP A 147 -10.98 5.43 0.53
CA TRP A 147 -11.02 5.10 -0.89
C TRP A 147 -9.61 4.84 -1.39
N ALA A 148 -8.66 5.68 -0.99
CA ALA A 148 -7.27 5.57 -1.41
C ALA A 148 -6.62 4.31 -0.83
N LEU A 149 -6.94 4.01 0.42
CA LEU A 149 -6.42 2.82 1.09
C LEU A 149 -6.83 1.54 0.34
N VAL A 150 -8.08 1.49 -0.11
CA VAL A 150 -8.56 0.31 -0.82
C VAL A 150 -8.04 0.26 -2.25
N SER A 151 -7.94 1.43 -2.88
CA SER A 151 -7.54 1.52 -4.29
C SER A 151 -6.04 1.34 -4.54
N LEU A 152 -5.20 1.84 -3.63
CA LEU A 152 -3.76 1.80 -3.83
C LEU A 152 -2.98 1.18 -2.67
N GLY A 153 -3.63 1.03 -1.53
CA GLY A 153 -2.94 0.55 -0.35
C GLY A 153 -3.32 -0.87 0.04
N SER A 154 -3.21 -1.14 1.34
CA SER A 154 -3.41 -2.46 1.92
C SER A 154 -3.11 -2.36 3.41
N VAL A 155 -3.41 -3.41 4.17
CA VAL A 155 -3.19 -3.38 5.62
C VAL A 155 -2.53 -4.65 6.16
N GLY A 156 -1.81 -4.51 7.27
CA GLY A 156 -1.23 -5.65 7.94
C GLY A 156 0.24 -5.91 7.66
N PHE A 157 0.75 -6.99 8.25
CA PHE A 157 2.13 -7.40 8.04
C PHE A 157 2.38 -7.79 6.58
N ARG A 158 3.45 -7.23 6.01
CA ARG A 158 3.87 -7.52 4.64
C ARG A 158 2.90 -7.00 3.57
N SER A 159 2.11 -5.98 3.92
CA SER A 159 1.11 -5.44 3.00
C SER A 159 1.72 -4.67 1.82
N ARG A 160 3.00 -4.31 1.91
CA ARG A 160 3.70 -3.74 0.77
C ARG A 160 4.16 -4.82 -0.19
N ARG A 161 3.99 -6.07 0.23
CA ARG A 161 4.38 -7.21 -0.60
C ARG A 161 3.23 -8.17 -0.87
N GLY A 162 2.02 -7.63 -1.07
CA GLY A 162 0.93 -8.44 -1.55
C GLY A 162 -0.11 -8.91 -0.55
N THR A 163 0.13 -8.73 0.74
CA THR A 163 -0.88 -9.12 1.72
C THR A 163 -1.84 -7.96 2.00
N GLY A 164 -3.04 -8.30 2.45
CA GLY A 164 -3.97 -7.28 2.92
C GLY A 164 -4.52 -6.37 1.85
N SER A 165 -4.52 -6.84 0.60
CA SER A 165 -5.21 -6.12 -0.46
C SER A 165 -6.71 -6.23 -0.24
N MET A 166 -7.42 -5.12 -0.38
CA MET A 166 -8.83 -5.05 -0.05
C MET A 166 -9.71 -4.64 -1.23
N LYS A 167 -10.99 -4.98 -1.16
CA LYS A 167 -11.98 -4.44 -2.08
C LYS A 167 -13.24 -4.08 -1.32
N ILE A 168 -14.04 -3.17 -1.87
CA ILE A 168 -15.31 -2.80 -1.26
C ILE A 168 -16.43 -3.67 -1.83
N VAL A 169 -17.08 -4.46 -0.98
CA VAL A 169 -18.16 -5.32 -1.46
C VAL A 169 -19.50 -4.58 -1.45
N ARG A 170 -19.76 -3.81 -0.41
CA ARG A 170 -20.95 -2.97 -0.39
C ARG A 170 -20.76 -1.77 0.52
N ALA A 171 -21.49 -0.70 0.23
CA ALA A 171 -21.34 0.54 0.96
C ALA A 171 -22.58 1.42 0.85
N SER A 172 -22.67 2.39 1.74
CA SER A 172 -23.64 3.48 1.64
C SER A 172 -22.88 4.78 1.83
N SER A 173 -22.52 5.41 0.72
CA SER A 173 -21.63 6.57 0.77
C SER A 173 -22.15 7.74 -0.05
N GLU A 174 -22.71 8.73 0.62
CA GLU A 174 -23.17 9.93 -0.04
C GLU A 174 -21.99 10.74 -0.56
N VAL A 175 -20.84 10.60 0.11
CA VAL A 175 -19.65 11.33 -0.29
C VAL A 175 -19.11 10.83 -1.63
N LEU A 176 -18.97 9.52 -1.78
CA LEU A 176 -18.52 8.94 -3.04
C LEU A 176 -19.52 9.22 -4.17
N GLU A 177 -20.80 9.21 -3.83
CA GLU A 177 -21.86 9.56 -4.78
C GLU A 177 -21.70 11.00 -5.25
N ASP A 178 -21.48 11.90 -4.28
CA ASP A 178 -21.32 13.32 -4.55
C ASP A 178 -20.13 13.61 -5.46
N LEU A 179 -19.00 12.95 -5.19
CA LEU A 179 -17.76 13.19 -5.93
C LEU A 179 -17.72 12.49 -7.27
N GLY A 180 -18.73 11.69 -7.58
CA GLY A 180 -18.78 10.95 -8.83
C GLY A 180 -17.79 9.81 -8.88
N LEU A 181 -17.49 9.23 -7.72
CA LEU A 181 -16.57 8.10 -7.65
C LEU A 181 -17.33 6.78 -7.52
N THR A 182 -16.61 5.68 -7.65
CA THR A 182 -17.21 4.36 -7.60
C THR A 182 -16.66 3.58 -6.41
N THR A 183 -17.20 2.38 -6.20
CA THR A 183 -16.72 1.50 -5.13
C THR A 183 -16.05 0.27 -5.73
N GLU A 184 -15.94 0.27 -7.04
CA GLU A 184 -15.29 -0.81 -7.77
C GLU A 184 -14.86 -0.31 -9.15
N PHE A 185 -13.85 -0.96 -9.72
CA PHE A 185 -13.34 -0.58 -11.03
C PHE A 185 -13.83 -1.57 -12.10
N ASN A 186 -14.60 -1.06 -13.05
CA ASN A 186 -15.09 -1.88 -14.16
C ASN A 186 -14.11 -1.93 -15.32
N SER A 187 -13.25 -0.91 -15.39
CA SER A 187 -12.22 -0.86 -16.42
C SER A 187 -10.98 -0.17 -15.87
N ILE A 188 -9.87 -0.27 -16.58
CA ILE A 188 -8.65 0.43 -16.20
C ILE A 188 -8.85 1.93 -16.34
N ASP A 189 -9.69 2.32 -17.30
CA ASP A 189 -9.97 3.73 -17.53
C ASP A 189 -10.74 4.36 -16.37
N GLU A 190 -11.63 3.60 -15.74
CA GLU A 190 -12.31 4.07 -14.55
C GLU A 190 -11.30 4.34 -13.43
N PHE A 191 -10.30 3.46 -13.35
CA PHE A 191 -9.21 3.61 -12.39
C PHE A 191 -8.44 4.90 -12.68
N LYS A 192 -8.02 5.08 -13.93
CA LYS A 192 -7.30 6.29 -14.35
C LYS A 192 -8.07 7.55 -13.99
N ASP A 193 -9.35 7.57 -14.34
CA ASP A 193 -10.18 8.76 -14.15
C ASP A 193 -10.45 9.07 -12.68
N SER A 194 -10.58 8.02 -11.88
CA SER A 194 -10.85 8.19 -10.45
C SER A 194 -9.68 8.85 -9.74
N LEU A 195 -8.47 8.44 -10.08
CA LEU A 195 -7.28 9.03 -9.48
C LEU A 195 -7.21 10.52 -9.76
N LYS A 196 -7.50 10.92 -11.01
CA LYS A 196 -7.53 12.32 -11.38
C LYS A 196 -8.59 13.06 -10.57
N ARG A 197 -9.77 12.45 -10.45
CA ARG A 197 -10.87 13.01 -9.70
C ARG A 197 -10.51 13.21 -8.23
N VAL A 198 -9.93 12.19 -7.61
CA VAL A 198 -9.57 12.23 -6.20
C VAL A 198 -8.52 13.32 -5.96
N LEU A 199 -7.57 13.43 -6.89
CA LEU A 199 -6.58 14.48 -6.79
C LEU A 199 -7.25 15.84 -6.87
N ASP A 200 -8.02 16.06 -7.93
CA ASP A 200 -8.67 17.35 -8.17
C ASP A 200 -9.60 17.80 -7.05
N VAL A 201 -10.38 16.88 -6.50
CA VAL A 201 -11.34 17.21 -5.45
C VAL A 201 -10.65 17.56 -4.12
N THR A 202 -9.64 16.77 -3.75
CA THR A 202 -8.95 16.95 -2.48
C THR A 202 -8.40 18.36 -2.32
N GLY A 203 -7.88 18.93 -3.41
CA GLY A 203 -7.37 20.28 -3.40
C GLY A 203 -8.45 21.30 -3.05
N GLU A 204 -9.61 21.16 -3.68
CA GLU A 204 -10.74 22.06 -3.46
C GLU A 204 -11.18 22.09 -2.00
N ILE A 205 -11.25 20.92 -1.40
CA ILE A 205 -11.71 20.79 -0.01
C ILE A 205 -10.74 21.48 0.96
N LEU A 206 -9.49 21.65 0.54
CA LEU A 206 -8.47 22.26 1.38
C LEU A 206 -8.23 23.74 1.04
N GLY A 207 -8.77 24.19 -0.09
CA GLY A 207 -8.51 25.53 -0.58
C GLY A 207 -7.77 25.48 -1.90
N VAL A 208 -6.50 25.10 -1.84
CA VAL A 208 -5.70 24.84 -3.04
C VAL A 208 -4.43 24.10 -2.65
N SER A 216 7.38 21.31 -7.40
CA SER A 216 8.44 21.31 -6.40
C SER A 216 8.33 20.09 -5.50
N LEU A 217 9.07 19.04 -5.84
CA LEU A 217 8.95 17.73 -5.19
C LEU A 217 9.03 17.76 -3.66
N PRO A 218 8.01 17.23 -2.99
CA PRO A 218 7.96 17.15 -1.52
C PRO A 218 8.97 16.14 -0.99
N SER A 219 9.23 16.18 0.31
CA SER A 219 10.20 15.28 0.91
C SER A 219 9.53 14.07 1.55
N TYR A 220 8.27 13.84 1.20
CA TYR A 220 7.53 12.68 1.67
C TYR A 220 6.66 12.13 0.54
N ALA A 221 6.18 10.90 0.71
CA ALA A 221 5.37 10.24 -0.32
C ALA A 221 4.05 10.94 -0.51
N THR A 222 3.70 11.21 -1.75
CA THR A 222 2.41 11.80 -2.10
C THR A 222 1.80 11.04 -3.27
N LEU A 223 0.49 11.11 -3.41
CA LEU A 223 -0.19 10.50 -4.54
C LEU A 223 0.23 11.16 -5.84
N LYS A 224 0.29 12.50 -5.83
CA LYS A 224 0.60 13.27 -7.02
C LYS A 224 1.91 12.84 -7.67
N PHE A 225 2.93 12.64 -6.86
CA PHE A 225 4.24 12.26 -7.38
C PHE A 225 4.50 10.78 -7.20
N SER A 226 3.69 9.96 -7.87
CA SER A 226 3.85 8.52 -7.80
C SER A 226 3.51 7.87 -9.15
N ASP A 227 3.93 6.62 -9.32
CA ASP A 227 3.56 5.85 -10.51
C ASP A 227 2.74 4.65 -10.11
N VAL A 228 1.60 4.47 -10.76
CA VAL A 228 0.75 3.32 -10.50
C VAL A 228 0.62 2.50 -11.78
N GLU A 229 0.89 1.21 -11.67
CA GLU A 229 0.85 0.29 -12.81
C GLU A 229 0.09 -0.98 -12.47
N VAL A 230 -0.48 -1.61 -13.48
CA VAL A 230 -1.14 -2.90 -13.30
C VAL A 230 -0.70 -3.90 -14.38
N PHE A 231 -0.91 -5.18 -14.11
CA PHE A 231 -0.70 -6.21 -15.12
C PHE A 231 -1.74 -7.31 -14.95
N GLY A 232 -2.09 -7.95 -16.05
CA GLY A 232 -3.08 -9.01 -16.02
C GLY A 232 -4.15 -8.85 -17.07
N PRO A 233 -5.32 -9.45 -16.86
CA PRO A 233 -5.71 -10.18 -15.65
C PRO A 233 -5.10 -11.58 -15.56
N GLY A 234 -5.12 -12.17 -14.37
CA GLY A 234 -4.68 -13.54 -14.20
C GLY A 234 -5.86 -14.48 -14.07
N LYS A 235 -5.59 -15.79 -14.06
CA LYS A 235 -6.63 -16.79 -13.86
C LYS A 235 -7.33 -16.55 -12.52
N ASN A 236 -6.52 -16.37 -11.49
CA ASN A 236 -7.01 -16.16 -10.14
C ASN A 236 -6.00 -15.32 -9.37
N THR A 237 -6.32 -15.01 -8.12
CA THR A 237 -5.46 -14.17 -7.30
C THR A 237 -4.10 -14.83 -7.06
N TRP A 238 -4.12 -16.11 -6.73
CA TRP A 238 -2.89 -16.85 -6.42
C TRP A 238 -1.91 -16.82 -7.58
N GLU A 239 -2.42 -16.82 -8.81
CA GLU A 239 -1.57 -16.80 -9.98
C GLU A 239 -0.81 -15.48 -10.07
N VAL A 240 -1.51 -14.39 -9.75
CA VAL A 240 -0.92 -13.07 -9.72
C VAL A 240 0.17 -12.98 -8.66
N LEU A 241 -0.16 -13.44 -7.46
CA LEU A 241 0.81 -13.48 -6.36
C LEU A 241 2.03 -14.32 -6.72
N ALA A 242 1.80 -15.41 -7.45
CA ALA A 242 2.90 -16.29 -7.86
C ALA A 242 3.83 -15.59 -8.85
N GLN A 243 3.28 -14.72 -9.67
CA GLN A 243 4.09 -13.95 -10.61
C GLN A 243 5.03 -13.02 -9.85
N PHE A 244 4.50 -12.35 -8.84
CA PHE A 244 5.28 -11.49 -7.96
C PHE A 244 6.42 -12.29 -7.31
N ASN A 245 6.13 -13.54 -6.97
CA ASN A 245 7.09 -14.35 -6.24
C ASN A 245 8.25 -14.81 -7.12
N ASN A 246 7.94 -15.19 -8.35
CA ASN A 246 8.98 -15.58 -9.30
C ASN A 246 9.89 -14.40 -9.61
N SER A 247 9.27 -13.24 -9.86
CA SER A 247 10.00 -12.02 -10.14
C SER A 247 10.89 -11.63 -8.97
N TYR A 248 10.34 -11.70 -7.76
CA TYR A 248 11.06 -11.28 -6.57
C TYR A 248 12.20 -12.24 -6.23
N LYS A 249 12.05 -13.50 -6.60
CA LYS A 249 13.09 -14.50 -6.33
C LYS A 249 14.34 -14.18 -7.14
N GLU A 250 14.14 -13.77 -8.40
CA GLU A 250 15.25 -13.43 -9.28
C GLU A 250 15.83 -12.07 -8.91
N TYR A 251 14.95 -11.15 -8.54
CA TYR A 251 15.34 -9.83 -8.06
C TYR A 251 16.26 -9.95 -6.84
N LEU A 252 15.84 -10.79 -5.90
CA LEU A 252 16.61 -11.04 -4.69
C LEU A 252 17.91 -11.77 -4.99
N ARG A 253 17.88 -12.67 -5.96
CA ARG A 253 19.07 -13.45 -6.30
C ARG A 253 20.21 -12.54 -6.78
N ARG A 254 19.89 -11.63 -7.70
CA ARG A 254 20.87 -10.69 -8.21
C ARG A 254 21.26 -9.65 -7.15
N ARG A 255 20.31 -9.34 -6.28
CA ARG A 255 20.54 -8.38 -5.21
C ARG A 255 21.61 -8.87 -4.25
N ILE A 256 21.50 -10.14 -3.85
CA ILE A 256 22.47 -10.78 -2.98
C ILE A 256 23.88 -10.74 -3.60
N LYS A 257 23.98 -11.15 -4.86
CA LYS A 257 25.26 -11.14 -5.55
C LYS A 257 25.82 -9.72 -5.64
N LYS A 258 24.94 -8.76 -5.91
CA LYS A 258 25.36 -7.38 -6.10
C LYS A 258 25.98 -6.79 -4.83
N TYR A 259 25.33 -7.04 -3.70
CA TYR A 259 25.77 -6.41 -2.47
C TYR A 259 26.90 -7.18 -1.78
N GLN A 260 27.08 -8.43 -2.18
CA GLN A 260 28.27 -9.16 -1.76
C GLN A 260 29.49 -8.50 -2.39
N ARG A 261 29.34 -8.10 -3.65
CA ARG A 261 30.40 -7.37 -4.34
C ARG A 261 30.66 -6.02 -3.71
N ILE A 262 29.63 -5.19 -3.72
CA ILE A 262 29.73 -3.80 -3.26
C ILE A 262 30.27 -3.66 -1.83
N ILE A 263 29.69 -4.41 -0.90
CA ILE A 263 30.03 -4.26 0.51
C ILE A 263 31.29 -5.02 0.92
N PHE A 264 31.46 -6.23 0.40
CA PHE A 264 32.53 -7.11 0.89
C PHE A 264 33.56 -7.51 -0.17
N GLY A 265 33.41 -7.01 -1.39
CA GLY A 265 34.33 -7.34 -2.47
C GLY A 265 35.57 -6.45 -2.50
N LEU A 266 36.11 -6.25 -3.69
CA LEU A 266 37.26 -5.36 -3.88
C LEU A 266 36.82 -3.90 -3.85
N PRO A 267 37.42 -3.10 -2.95
CA PRO A 267 37.09 -1.68 -2.80
C PRO A 267 37.30 -0.86 -4.08
N ARG A 268 36.23 -0.28 -4.59
CA ARG A 268 36.27 0.57 -5.76
C ARG A 268 35.64 1.93 -5.47
N PHE A 269 36.15 2.97 -6.12
CA PHE A 269 35.55 4.30 -6.01
C PHE A 269 34.31 4.41 -6.89
N LYS A 270 33.19 4.79 -6.30
CA LYS A 270 31.98 5.02 -7.07
C LYS A 270 32.16 6.26 -7.95
N LEU A 271 31.55 6.24 -9.12
CA LEU A 271 31.57 7.39 -10.01
C LEU A 271 30.26 8.16 -9.87
N ARG A 272 30.32 9.48 -9.98
CA ARG A 272 29.11 10.28 -9.83
C ARG A 272 28.21 10.10 -11.04
N GLY A 273 26.92 9.97 -10.80
CA GLY A 273 25.94 9.85 -11.86
C GLY A 273 25.93 11.07 -12.76
N VAL A 274 25.64 10.84 -14.04
CA VAL A 274 25.53 11.91 -15.01
C VAL A 274 24.24 12.69 -14.74
N ARG A 275 23.27 11.99 -14.15
CA ARG A 275 22.03 12.60 -13.72
C ARG A 275 21.99 12.72 -12.20
N LYS A 276 21.47 13.83 -11.70
CA LYS A 276 21.32 14.01 -10.26
C LYS A 276 20.33 13.00 -9.69
N ASP A 277 20.70 12.40 -8.56
CA ASP A 277 19.91 11.36 -7.90
C ASP A 277 19.61 10.19 -8.85
N LEU A 278 20.67 9.67 -9.46
CA LEU A 278 20.55 8.60 -10.45
C LEU A 278 20.42 7.23 -9.81
N ARG A 279 21.14 7.01 -8.72
CA ARG A 279 21.10 5.73 -8.01
C ARG A 279 20.16 5.78 -6.81
N ARG A 280 19.39 6.86 -6.70
CA ARG A 280 18.42 7.01 -5.63
C ARG A 280 17.07 6.43 -6.05
N ALA A 281 16.96 5.10 -5.99
CA ALA A 281 15.72 4.41 -6.34
C ALA A 281 14.69 4.55 -5.24
N SER A 282 13.42 4.36 -5.61
CA SER A 282 12.30 4.74 -4.75
C SER A 282 11.53 3.53 -4.25
N PRO A 283 10.78 3.69 -3.14
CA PRO A 283 9.96 2.59 -2.62
C PRO A 283 8.98 2.04 -3.66
N LEU A 284 8.81 0.72 -3.66
CA LEU A 284 7.82 0.08 -4.51
C LEU A 284 6.93 -0.84 -3.67
N TRP A 285 5.63 -0.68 -3.79
CA TRP A 285 4.68 -1.56 -3.12
C TRP A 285 3.96 -2.38 -4.18
N PHE A 286 3.55 -3.58 -3.84
CA PHE A 286 2.66 -4.31 -4.74
C PHE A 286 1.57 -5.06 -4.00
N GLY A 287 0.53 -5.40 -4.75
CA GLY A 287 -0.63 -6.07 -4.19
C GLY A 287 -1.55 -6.45 -5.33
N VAL A 288 -2.83 -6.71 -5.01
CA VAL A 288 -3.77 -7.14 -6.03
C VAL A 288 -5.00 -6.22 -6.09
N VAL A 289 -5.31 -5.74 -7.28
CA VAL A 289 -6.49 -4.93 -7.50
C VAL A 289 -7.49 -5.70 -8.36
N GLU A 290 -8.77 -5.55 -8.06
CA GLU A 290 -9.81 -6.18 -8.88
C GLU A 290 -10.39 -5.19 -9.89
N ILE A 291 -10.28 -5.54 -11.16
CA ILE A 291 -10.81 -4.70 -12.24
C ILE A 291 -11.70 -5.55 -13.16
N GLY A 292 -12.97 -5.15 -13.27
CA GLY A 292 -13.90 -5.91 -14.09
C GLY A 292 -14.10 -7.33 -13.58
N GLY A 293 -14.00 -7.50 -12.27
CA GLY A 293 -14.19 -8.80 -11.66
C GLY A 293 -13.05 -9.78 -11.89
N LYS A 294 -11.90 -9.24 -12.28
CA LYS A 294 -10.71 -10.06 -12.51
C LYS A 294 -9.49 -9.49 -11.77
N PRO A 295 -8.60 -10.38 -11.30
CA PRO A 295 -7.44 -9.95 -10.51
C PRO A 295 -6.28 -9.43 -11.35
N TYR A 296 -5.76 -8.27 -10.96
CA TYR A 296 -4.58 -7.69 -11.59
C TYR A 296 -3.50 -7.46 -10.55
N GLY A 297 -2.23 -7.55 -10.97
CA GLY A 297 -1.14 -7.15 -10.11
C GLY A 297 -1.11 -5.64 -10.05
N ARG A 298 -0.96 -5.07 -8.86
CA ARG A 298 -0.90 -3.62 -8.73
C ARG A 298 0.45 -3.18 -8.17
N ILE A 299 1.09 -2.23 -8.84
CA ILE A 299 2.38 -1.71 -8.40
C ILE A 299 2.31 -0.20 -8.22
N ILE A 300 2.80 0.29 -7.09
CA ILE A 300 2.90 1.73 -6.91
C ILE A 300 4.33 2.12 -6.51
N LYS A 301 4.83 3.19 -7.14
CA LYS A 301 6.18 3.70 -6.88
C LYS A 301 6.15 5.14 -6.37
N PHE A 302 6.74 5.39 -5.21
CA PHE A 302 6.70 6.72 -4.58
C PHE A 302 7.98 7.53 -4.77
N PHE A 303 7.88 8.68 -5.43
CA PHE A 303 9.06 9.52 -5.65
C PHE A 303 9.03 10.76 -4.76
N GLN A 304 10.06 10.92 -3.91
CA GLN A 304 10.16 12.11 -3.07
C GLN A 304 11.62 12.55 -2.89
N SER A 305 11.84 13.56 -2.04
CA SER A 305 13.17 14.15 -1.86
C SER A 305 14.04 13.38 -0.87
N THR A 306 13.44 12.88 0.20
CA THR A 306 14.17 12.11 1.22
C THR A 306 14.82 10.88 0.62
N PHE A 307 16.11 10.69 0.91
CA PHE A 307 16.82 9.50 0.49
C PHE A 307 16.48 8.30 1.37
N HIS A 308 16.13 7.18 0.74
CA HIS A 308 15.85 5.95 1.46
C HIS A 308 16.90 4.91 1.06
N PRO A 309 17.72 4.48 2.03
CA PRO A 309 18.80 3.53 1.74
C PRO A 309 18.27 2.20 1.22
N GLU A 310 19.00 1.58 0.29
CA GLU A 310 18.70 0.23 -0.13
C GLU A 310 19.34 -0.71 0.89
N VAL A 311 20.21 -0.14 1.73
CA VAL A 311 20.97 -0.92 2.70
C VAL A 311 20.42 -0.77 4.12
N ARG A 312 20.12 -1.91 4.75
CA ARG A 312 19.59 -1.91 6.11
C ARG A 312 20.31 -2.95 6.97
N SER A 313 20.40 -2.70 8.28
CA SER A 313 21.10 -3.62 9.16
C SER A 313 20.17 -4.74 9.63
N LYS A 314 19.68 -5.49 8.65
CA LYS A 314 18.86 -6.67 8.88
C LYS A 314 19.14 -7.64 7.72
N HIS A 315 18.46 -8.78 7.69
CA HIS A 315 18.72 -9.72 6.60
C HIS A 315 18.24 -9.14 5.28
N ILE A 316 18.98 -9.44 4.20
CA ILE A 316 18.70 -8.86 2.89
C ILE A 316 17.32 -9.27 2.37
N VAL A 317 16.76 -10.35 2.92
CA VAL A 317 15.43 -10.78 2.56
C VAL A 317 14.39 -9.80 3.07
N ASP A 318 14.76 -9.01 4.09
CA ASP A 318 13.85 -8.05 4.69
C ASP A 318 14.01 -6.65 4.11
N TRP A 319 15.01 -6.48 3.26
CA TRP A 319 15.25 -5.19 2.62
C TRP A 319 14.05 -4.77 1.76
N ASN A 320 13.70 -3.49 1.81
CA ASN A 320 12.61 -2.96 0.99
C ASN A 320 12.79 -3.28 -0.49
N VAL A 321 11.66 -3.50 -1.18
CA VAL A 321 11.67 -3.65 -2.63
C VAL A 321 11.62 -2.28 -3.28
N LEU A 322 12.58 -1.99 -4.17
CA LEU A 322 12.69 -0.67 -4.77
C LEU A 322 12.23 -0.67 -6.22
N SER A 323 12.25 0.51 -6.83
CA SER A 323 11.64 0.70 -8.14
C SER A 323 12.36 -0.02 -9.26
N ASN A 324 13.60 -0.44 -9.03
CA ASN A 324 14.33 -1.19 -10.06
C ASN A 324 13.82 -2.62 -10.18
N PHE A 325 12.81 -2.96 -9.39
CA PHE A 325 12.18 -4.27 -9.41
C PHE A 325 11.20 -4.40 -10.58
N ASP A 326 10.82 -3.28 -11.17
CA ASP A 326 9.79 -3.28 -12.21
C ASP A 326 10.23 -4.02 -13.48
N TRP A 327 11.53 -4.04 -13.76
CA TRP A 327 12.04 -4.79 -14.90
C TRP A 327 11.65 -6.26 -14.80
N PHE A 328 11.69 -6.80 -13.59
CA PHE A 328 11.47 -8.22 -13.39
C PHE A 328 10.00 -8.60 -13.49
N ILE A 329 9.15 -7.59 -13.66
CA ILE A 329 7.76 -7.80 -14.02
C ILE A 329 7.54 -7.48 -15.49
N SER A 330 7.95 -6.28 -15.88
CA SER A 330 7.62 -5.72 -17.19
C SER A 330 8.37 -6.37 -18.34
N SER A 331 9.45 -7.08 -18.05
CA SER A 331 10.19 -7.79 -19.09
C SER A 331 9.51 -9.11 -19.40
N ARG A 332 8.64 -9.55 -18.49
CA ARG A 332 8.03 -10.87 -18.61
C ARG A 332 6.56 -10.82 -19.05
N LEU A 333 5.90 -9.69 -18.88
CA LEU A 333 4.50 -9.55 -19.31
C LEU A 333 4.04 -8.09 -19.40
N PRO A 334 3.01 -7.81 -20.23
CA PRO A 334 2.56 -6.44 -20.51
C PRO A 334 2.05 -5.68 -19.28
N VAL A 335 2.59 -4.48 -19.07
CA VAL A 335 2.24 -3.63 -17.95
C VAL A 335 1.56 -2.35 -18.43
N THR A 336 0.46 -1.98 -17.79
CA THR A 336 -0.25 -0.76 -18.16
C THR A 336 -0.06 0.34 -17.12
N LYS A 337 0.36 1.52 -17.58
CA LYS A 337 0.49 2.67 -16.69
C LYS A 337 -0.87 3.25 -16.35
N VAL A 338 -1.16 3.37 -15.06
CA VAL A 338 -2.45 3.89 -14.59
C VAL A 338 -2.33 5.37 -14.22
N TRP A 339 -1.19 5.73 -13.63
CA TRP A 339 -0.95 7.09 -13.17
C TRP A 339 0.54 7.41 -13.26
N GLY A 340 0.88 8.53 -13.88
CA GLY A 340 2.26 8.89 -14.09
C GLY A 340 2.63 10.20 -13.43
N GLY A 341 3.20 10.11 -12.22
CA GLY A 341 3.66 11.28 -11.50
C GLY A 341 5.05 11.69 -11.99
N TRP A 342 5.71 10.78 -12.68
CA TRP A 342 7.02 11.05 -13.28
C TRP A 342 6.93 11.08 -14.80
#